data_5NEB
#
_entry.id   5NEB
#
_cell.length_a   51.862
_cell.length_b   57.839
_cell.length_c   89.302
_cell.angle_alpha   90.00
_cell.angle_beta   102.41
_cell.angle_gamma   90.00
#
_symmetry.space_group_name_H-M   'P 1 21 1'
#
loop_
_entity.id
_entity.type
_entity.pdbx_description
1 polymer 'Glutamate receptor ionotropic, kainate 1'
2 non-polymer 'SULFATE ION'
3 non-polymer 'CHLORIDE ION'
4 non-polymer GLYCEROL
5 non-polymer '(3~{a}~{R},4~{S},6~{a}~{R})-1-methyl-4,5,6,6~{a}-tetrahydro-3~{a}~{H}-pyrrolo[3,4-c]pyrazole-3,4-dicarboxylic acid'
6 non-polymer 'ACETATE ION'
7 water water
#
_entity_poly.entity_id   1
_entity_poly.type   'polypeptide(L)'
_entity_poly.pdbx_seq_one_letter_code
;GANRTLIVTTILEEPYVMYRKSDKPLYGNDRFEGYCLDLLKELSNILGFLYDVKLVPDGKYGAQNDKGEWNGMVKELIDH
RADLAVAPLTITYVREKVIDFSKPFMTLGISILYRKGTPIDSADDLAKQTKIEYGAVRDGSTMTFFKKSKISTYEKMWAF
MSSRQQSALVKNSDEGIQRVLTTDYALLMESTSIEYVTQRNCNLTQIGGLIDSKGYGVGTPIGSPYRDKITIAILQLQEE
GKLHMMKEKWWRGNGCP
;
_entity_poly.pdbx_strand_id   B,A
#
loop_
_chem_comp.id
_chem_comp.type
_chem_comp.name
_chem_comp.formula
8VE non-polymer '(3~{a}~{R},4~{S},6~{a}~{R})-1-methyl-4,5,6,6~{a}-tetrahydro-3~{a}~{H}-pyrrolo[3,4-c]pyrazole-3,4-dicarboxylic acid' 'C8 H11 N3 O4'
ACT non-polymer 'ACETATE ION' 'C2 H3 O2 -1'
CL non-polymer 'CHLORIDE ION' 'Cl -1'
GOL non-polymer GLYCEROL 'C3 H8 O3'
SO4 non-polymer 'SULFATE ION' 'O4 S -2'
#
# COMPACT_ATOMS: atom_id res chain seq x y z
N GLY A 1 -26.82 -32.93 -5.90
CA GLY A 1 -26.28 -32.82 -7.29
C GLY A 1 -24.95 -32.10 -7.34
N ALA A 2 -24.33 -32.09 -8.53
CA ALA A 2 -23.06 -31.41 -8.69
C ALA A 2 -23.20 -29.92 -8.40
N ASN A 3 -22.10 -29.31 -7.94
CA ASN A 3 -22.11 -27.90 -7.63
C ASN A 3 -22.40 -27.08 -8.88
N ARG A 4 -23.23 -26.06 -8.72
CA ARG A 4 -23.55 -25.19 -9.85
C ARG A 4 -22.30 -24.42 -10.28
N THR A 5 -22.12 -24.29 -11.59
CA THR A 5 -21.01 -23.52 -12.12
C THR A 5 -21.23 -22.04 -11.80
N LEU A 6 -20.23 -21.41 -11.18
CA LEU A 6 -20.34 -20.02 -10.81
C LEU A 6 -20.01 -19.13 -12.00
N ILE A 7 -20.74 -18.03 -12.12
CA ILE A 7 -20.50 -17.04 -13.17
C ILE A 7 -19.56 -15.97 -12.60
N VAL A 8 -18.42 -15.80 -13.26
CA VAL A 8 -17.42 -14.82 -12.85
C VAL A 8 -17.42 -13.70 -13.87
N THR A 9 -17.69 -12.49 -13.41
CA THR A 9 -17.66 -11.32 -14.26
C THR A 9 -16.29 -10.66 -14.18
N THR A 10 -15.81 -10.16 -15.33
CA THR A 10 -14.50 -9.52 -15.39
C THR A 10 -14.47 -8.63 -16.63
N ILE A 11 -13.33 -7.97 -16.83
CA ILE A 11 -13.15 -7.02 -17.94
C ILE A 11 -11.77 -7.23 -18.52
N LEU A 12 -11.67 -7.11 -19.85
CA LEU A 12 -10.37 -7.17 -20.50
C LEU A 12 -9.49 -6.03 -20.00
N GLU A 13 -8.37 -6.39 -19.38
CA GLU A 13 -7.50 -5.39 -18.74
C GLU A 13 -6.14 -6.03 -18.53
N GLU A 14 -5.11 -5.49 -19.18
CA GLU A 14 -3.76 -6.04 -19.07
C GLU A 14 -3.12 -5.67 -17.74
N PRO A 15 -2.40 -6.61 -17.10
CA PRO A 15 -2.20 -8.03 -17.43
C PRO A 15 -3.17 -8.95 -16.70
N TYR A 16 -4.29 -8.38 -16.24
CA TYR A 16 -5.24 -9.14 -15.43
C TYR A 16 -6.03 -10.12 -16.29
N VAL A 17 -6.59 -9.66 -17.41
CA VAL A 17 -7.41 -10.47 -18.29
C VAL A 17 -7.08 -10.09 -19.73
N MET A 18 -6.66 -11.07 -20.53
CA MET A 18 -6.22 -10.83 -21.90
C MET A 18 -6.65 -12.01 -22.77
N TYR A 19 -6.97 -11.70 -24.02
CA TYR A 19 -7.27 -12.76 -24.99
C TYR A 19 -5.99 -13.53 -25.31
N ARG A 20 -6.03 -14.85 -25.12
CA ARG A 20 -4.93 -15.70 -25.53
C ARG A 20 -4.89 -15.74 -27.06
N LYS A 21 -3.71 -15.54 -27.65
CA LYS A 21 -3.59 -15.54 -29.10
C LYS A 21 -3.38 -16.96 -29.61
N SER A 22 -4.06 -17.29 -30.71
CA SER A 22 -3.97 -18.62 -31.30
C SER A 22 -4.50 -18.54 -32.72
N ASP A 23 -4.06 -19.50 -33.55
CA ASP A 23 -4.61 -19.64 -34.88
C ASP A 23 -5.94 -20.39 -34.84
N LYS A 24 -6.01 -21.43 -34.02
CA LYS A 24 -7.25 -22.17 -33.84
C LYS A 24 -8.23 -21.34 -33.01
N PRO A 25 -9.53 -21.38 -33.32
CA PRO A 25 -10.49 -20.68 -32.46
C PRO A 25 -10.51 -21.27 -31.06
N LEU A 26 -10.67 -20.40 -30.07
CA LEU A 26 -10.71 -20.81 -28.67
C LEU A 26 -12.09 -20.58 -28.10
N TYR A 27 -12.44 -21.35 -27.08
CA TYR A 27 -13.77 -21.31 -26.49
C TYR A 27 -13.65 -21.35 -24.97
N GLY A 28 -14.69 -20.87 -24.31
CA GLY A 28 -14.72 -20.95 -22.86
C GLY A 28 -13.66 -20.10 -22.21
N ASN A 29 -13.14 -20.60 -21.09
CA ASN A 29 -12.15 -19.86 -20.31
C ASN A 29 -10.81 -19.80 -21.02
N ASP A 30 -10.49 -20.79 -21.86
CA ASP A 30 -9.20 -20.81 -22.53
C ASP A 30 -9.00 -19.63 -23.48
N ARG A 31 -10.06 -18.85 -23.75
CA ARG A 31 -9.88 -17.60 -24.46
C ARG A 31 -8.96 -16.66 -23.71
N PHE A 32 -8.94 -16.74 -22.38
CA PHE A 32 -8.33 -15.73 -21.54
C PHE A 32 -7.09 -16.25 -20.83
N GLU A 33 -6.22 -15.31 -20.44
CA GLU A 33 -5.07 -15.58 -19.60
C GLU A 33 -4.72 -14.28 -18.88
N GLY A 34 -4.01 -14.40 -17.77
CA GLY A 34 -3.57 -13.24 -17.03
C GLY A 34 -3.56 -13.49 -15.54
N TYR A 35 -3.19 -12.45 -14.81
CA TYR A 35 -3.09 -12.55 -13.35
C TYR A 35 -4.41 -13.01 -12.74
N CYS A 36 -5.52 -12.41 -13.15
CA CYS A 36 -6.80 -12.77 -12.55
C CYS A 36 -7.24 -14.17 -12.96
N LEU A 37 -6.85 -14.63 -14.14
CA LEU A 37 -7.11 -16.02 -14.52
C LEU A 37 -6.30 -16.97 -13.64
N ASP A 38 -5.03 -16.66 -13.39
CA ASP A 38 -4.24 -17.46 -12.47
C ASP A 38 -4.81 -17.39 -11.07
N LEU A 39 -5.22 -16.20 -10.62
CA LEU A 39 -5.84 -16.08 -9.31
C LEU A 39 -7.12 -16.90 -9.23
N LEU A 40 -7.96 -16.82 -10.26
CA LEU A 40 -9.20 -17.59 -10.28
C LEU A 40 -8.93 -19.09 -10.25
N LYS A 41 -7.83 -19.54 -10.86
CA LYS A 41 -7.51 -20.96 -10.83
C LYS A 41 -7.21 -21.45 -9.42
N GLU A 42 -6.46 -20.66 -8.65
CA GLU A 42 -6.15 -21.04 -7.26
C GLU A 42 -7.41 -21.01 -6.41
N LEU A 43 -8.20 -19.93 -6.50
CA LEU A 43 -9.45 -19.87 -5.76
C LEU A 43 -10.37 -21.02 -6.15
N SER A 44 -10.39 -21.38 -7.43
CA SER A 44 -11.22 -22.48 -7.89
C SER A 44 -10.89 -23.78 -7.17
N ASN A 45 -9.60 -24.08 -7.01
CA ASN A 45 -9.21 -25.34 -6.37
C ASN A 45 -9.45 -25.31 -4.87
N ILE A 46 -9.06 -24.23 -4.21
CA ILE A 46 -9.16 -24.17 -2.75
C ILE A 46 -10.60 -24.30 -2.31
N LEU A 47 -11.51 -23.59 -2.98
CA LEU A 47 -12.92 -23.62 -2.62
C LEU A 47 -13.68 -24.74 -3.32
N GLY A 48 -13.16 -25.26 -4.42
CA GLY A 48 -13.76 -26.41 -5.09
C GLY A 48 -15.02 -26.08 -5.87
N PHE A 49 -14.88 -25.28 -6.93
CA PHE A 49 -16.00 -24.95 -7.79
C PHE A 49 -15.51 -24.79 -9.22
N LEU A 50 -16.41 -25.03 -10.17
CA LEU A 50 -16.17 -24.66 -11.56
C LEU A 50 -16.69 -23.25 -11.79
N TYR A 51 -16.22 -22.63 -12.87
CA TYR A 51 -16.56 -21.24 -13.15
C TYR A 51 -16.62 -21.01 -14.64
N ASP A 52 -17.40 -20.01 -15.03
CA ASP A 52 -17.54 -19.58 -16.41
C ASP A 52 -17.32 -18.07 -16.46
N VAL A 53 -16.32 -17.64 -17.23
CA VAL A 53 -15.94 -16.24 -17.28
C VAL A 53 -16.80 -15.52 -18.32
N LYS A 54 -17.44 -14.43 -17.91
CA LYS A 54 -18.27 -13.61 -18.78
C LYS A 54 -17.85 -12.16 -18.64
N LEU A 55 -17.61 -11.50 -19.77
CA LEU A 55 -17.14 -10.12 -19.76
C LEU A 55 -18.31 -9.16 -19.54
N VAL A 56 -18.05 -8.11 -18.76
CA VAL A 56 -19.09 -7.09 -18.50
C VAL A 56 -19.50 -6.47 -19.82
N PRO A 57 -20.79 -6.45 -20.18
CA PRO A 57 -21.17 -5.91 -21.50
C PRO A 57 -20.70 -4.48 -21.74
N ASP A 58 -20.91 -3.58 -20.78
CA ASP A 58 -20.57 -2.18 -21.01
C ASP A 58 -19.10 -1.86 -20.73
N GLY A 59 -18.31 -2.85 -20.32
CA GLY A 59 -16.88 -2.64 -20.13
C GLY A 59 -16.52 -1.68 -19.03
N LYS A 60 -17.43 -1.40 -18.11
CA LYS A 60 -17.19 -0.47 -17.01
C LYS A 60 -17.08 -1.22 -15.70
N TYR A 61 -16.25 -0.70 -14.80
CA TYR A 61 -16.08 -1.33 -13.49
C TYR A 61 -17.23 -0.99 -12.55
N GLY A 62 -17.73 0.24 -12.61
CA GLY A 62 -18.95 0.57 -11.91
C GLY A 62 -18.93 1.89 -11.16
N ALA A 63 -19.93 2.73 -11.44
CA ALA A 63 -20.19 3.95 -10.69
C ALA A 63 -21.69 4.16 -10.63
N GLN A 64 -22.12 4.99 -9.67
CA GLN A 64 -23.54 5.28 -9.49
C GLN A 64 -23.88 6.70 -9.90
N ASN A 65 -25.03 6.86 -10.53
CA ASN A 65 -25.52 8.18 -10.91
C ASN A 65 -26.17 8.85 -9.70
N ASP A 66 -26.72 10.05 -9.92
CA ASP A 66 -27.32 10.79 -8.82
C ASP A 66 -28.58 10.14 -8.26
N LYS A 67 -29.19 9.22 -9.01
CA LYS A 67 -30.34 8.48 -8.52
C LYS A 67 -29.96 7.23 -7.75
N GLY A 68 -28.66 7.00 -7.52
CA GLY A 68 -28.21 5.83 -6.80
C GLY A 68 -28.15 4.56 -7.61
N GLU A 69 -28.22 4.64 -8.94
CA GLU A 69 -28.22 3.46 -9.79
C GLU A 69 -26.80 3.17 -10.26
N TRP A 70 -26.34 1.95 -10.05
CA TRP A 70 -25.01 1.52 -10.44
C TRP A 70 -25.01 0.93 -11.85
N ASN A 71 -23.82 0.84 -12.42
CA ASN A 71 -23.63 0.23 -13.73
C ASN A 71 -22.39 -0.65 -13.68
N GLY A 72 -22.03 -1.21 -14.84
CA GLY A 72 -20.78 -1.93 -14.97
C GLY A 72 -20.72 -3.19 -14.12
N MET A 73 -19.50 -3.54 -13.75
CA MET A 73 -19.26 -4.80 -13.02
C MET A 73 -20.02 -4.81 -11.70
N VAL A 74 -20.08 -3.67 -11.01
CA VAL A 74 -20.81 -3.61 -9.75
C VAL A 74 -22.28 -3.98 -9.95
N LYS A 75 -22.88 -3.46 -11.03
CA LYS A 75 -24.29 -3.75 -11.29
C LYS A 75 -24.53 -5.23 -11.54
N GLU A 76 -23.57 -5.90 -12.19
CA GLU A 76 -23.74 -7.33 -12.45
C GLU A 76 -23.87 -8.10 -11.14
N LEU A 77 -23.11 -7.70 -10.11
CA LEU A 77 -23.23 -8.36 -8.82
C LEU A 77 -24.54 -8.02 -8.14
N ILE A 78 -24.94 -6.74 -8.17
CA ILE A 78 -26.19 -6.32 -7.53
C ILE A 78 -27.37 -7.08 -8.12
N ASP A 79 -27.41 -7.21 -9.44
CA ASP A 79 -28.54 -7.86 -10.12
C ASP A 79 -28.39 -9.38 -10.17
N HIS A 80 -27.37 -9.94 -9.51
CA HIS A 80 -27.21 -11.38 -9.41
C HIS A 80 -27.07 -12.04 -10.78
N ARG A 81 -26.44 -11.35 -11.72
CA ARG A 81 -26.05 -11.97 -12.99
C ARG A 81 -24.66 -12.57 -12.92
N ALA A 82 -23.96 -12.43 -11.80
CA ALA A 82 -22.65 -13.02 -11.61
C ALA A 82 -22.46 -13.33 -10.13
N ASP A 83 -21.79 -14.45 -9.86
CA ASP A 83 -21.54 -14.84 -8.48
C ASP A 83 -20.29 -14.17 -7.92
N LEU A 84 -19.28 -13.95 -8.75
CA LEU A 84 -18.02 -13.36 -8.30
C LEU A 84 -17.53 -12.35 -9.33
N ALA A 85 -16.83 -11.33 -8.85
CA ALA A 85 -16.14 -10.36 -9.69
C ALA A 85 -14.65 -10.52 -9.39
N VAL A 86 -13.98 -11.33 -10.19
CA VAL A 86 -12.55 -11.56 -10.04
C VAL A 86 -11.85 -10.64 -11.02
N ALA A 87 -11.43 -9.48 -10.52
CA ALA A 87 -10.87 -8.42 -11.35
C ALA A 87 -10.18 -7.43 -10.43
N PRO A 88 -9.39 -6.51 -10.98
CA PRO A 88 -8.83 -5.45 -10.13
C PRO A 88 -9.92 -4.47 -9.71
N LEU A 89 -10.90 -4.95 -8.96
CA LEU A 89 -12.03 -4.13 -8.54
C LEU A 89 -11.65 -3.38 -7.25
N THR A 90 -11.50 -2.07 -7.36
CA THR A 90 -11.03 -1.27 -6.23
C THR A 90 -12.05 -1.26 -5.11
N ILE A 91 -11.58 -1.49 -3.89
CA ILE A 91 -12.43 -1.53 -2.71
C ILE A 91 -12.68 -0.09 -2.23
N THR A 92 -13.93 0.35 -2.29
CA THR A 92 -14.31 1.70 -1.91
C THR A 92 -15.53 1.65 -1.01
N TYR A 93 -15.63 2.62 -0.09
CA TYR A 93 -16.77 2.67 0.81
C TYR A 93 -18.08 2.77 0.05
N VAL A 94 -18.10 3.56 -1.02
CA VAL A 94 -19.35 3.75 -1.77
C VAL A 94 -19.78 2.42 -2.41
N ARG A 95 -18.81 1.64 -2.89
CA ARG A 95 -19.13 0.33 -3.45
C ARG A 95 -19.54 -0.67 -2.36
N GLU A 96 -18.91 -0.58 -1.19
CA GLU A 96 -19.25 -1.46 -0.08
C GLU A 96 -20.68 -1.26 0.42
N LYS A 97 -21.36 -0.22 -0.04
CA LYS A 97 -22.77 -0.04 0.33
C LYS A 97 -23.66 -1.04 -0.39
N VAL A 98 -23.24 -1.50 -1.57
CA VAL A 98 -24.11 -2.29 -2.44
C VAL A 98 -23.55 -3.68 -2.76
N ILE A 99 -22.28 -3.94 -2.49
CA ILE A 99 -21.70 -5.26 -2.67
C ILE A 99 -20.70 -5.53 -1.55
N ASP A 100 -20.26 -6.78 -1.47
CA ASP A 100 -19.24 -7.21 -0.51
C ASP A 100 -17.91 -7.39 -1.22
N PHE A 101 -16.84 -7.24 -0.45
CA PHE A 101 -15.47 -7.46 -0.93
C PHE A 101 -14.76 -8.42 0.01
N SER A 102 -13.91 -9.26 -0.57
CA SER A 102 -12.95 -9.99 0.24
C SER A 102 -11.86 -9.03 0.73
N LYS A 103 -11.03 -9.53 1.63
CA LYS A 103 -9.82 -8.78 1.95
C LYS A 103 -9.01 -8.55 0.68
N PRO A 104 -8.22 -7.48 0.63
CA PRO A 104 -7.51 -7.16 -0.61
C PRO A 104 -6.40 -8.17 -0.90
N PHE A 105 -6.25 -8.50 -2.19
CA PHE A 105 -5.16 -9.34 -2.65
C PHE A 105 -4.04 -8.52 -3.28
N MET A 106 -4.21 -7.21 -3.37
CA MET A 106 -3.21 -6.34 -3.97
C MET A 106 -3.53 -4.90 -3.55
N THR A 107 -2.48 -4.11 -3.34
CA THR A 107 -2.63 -2.72 -2.94
C THR A 107 -2.20 -1.80 -4.08
N LEU A 108 -2.78 -0.60 -4.10
CA LEU A 108 -2.54 0.35 -5.19
C LEU A 108 -2.89 1.75 -4.71
N GLY A 109 -2.65 2.72 -5.58
CA GLY A 109 -3.05 4.09 -5.32
C GLY A 109 -3.14 4.86 -6.63
N ILE A 110 -3.91 5.95 -6.59
CA ILE A 110 -4.04 6.81 -7.76
C ILE A 110 -2.76 7.58 -7.99
N SER A 111 -2.32 7.66 -9.24
CA SER A 111 -1.16 8.44 -9.63
C SER A 111 -1.35 8.86 -11.08
N ILE A 112 -0.30 9.46 -11.66
CA ILE A 112 -0.37 10.05 -12.99
C ILE A 112 0.56 9.30 -13.92
N LEU A 113 0.06 8.93 -15.09
CA LEU A 113 0.86 8.34 -16.15
C LEU A 113 1.12 9.40 -17.21
N TYR A 114 2.38 9.53 -17.63
CA TYR A 114 2.75 10.59 -18.57
C TYR A 114 4.14 10.26 -19.11
N ARG A 115 4.53 11.00 -20.16
CA ARG A 115 5.82 10.82 -20.80
C ARG A 115 6.95 11.42 -19.96
N LYS A 116 8.16 10.93 -20.21
CA LYS A 116 9.33 11.40 -19.50
C LYS A 116 9.84 12.72 -20.07
N GLY A 117 10.68 13.40 -19.30
CA GLY A 117 11.37 14.58 -19.77
C GLY A 117 10.52 15.83 -19.86
N THR A 118 9.69 16.09 -18.85
CA THR A 118 8.84 17.26 -18.81
C THR A 118 8.97 17.93 -17.45
N PRO A 119 8.58 19.20 -17.34
CA PRO A 119 8.64 19.88 -16.04
C PRO A 119 7.44 19.61 -15.14
N ILE A 120 6.49 18.77 -15.57
CA ILE A 120 5.35 18.42 -14.73
C ILE A 120 5.83 17.45 -13.65
N ASP A 121 5.65 17.84 -12.38
CA ASP A 121 6.19 17.09 -11.27
C ASP A 121 5.16 16.66 -10.24
N SER A 122 3.90 17.06 -10.38
CA SER A 122 2.89 16.73 -9.38
C SER A 122 1.52 17.01 -9.98
N ALA A 123 0.49 16.62 -9.23
CA ALA A 123 -0.87 16.95 -9.63
C ALA A 123 -1.11 18.46 -9.58
N ASP A 124 -0.46 19.16 -8.65
CA ASP A 124 -0.57 20.61 -8.60
C ASP A 124 -0.08 21.23 -9.90
N ASP A 125 1.08 20.80 -10.38
CA ASP A 125 1.60 21.32 -11.64
C ASP A 125 0.67 20.98 -12.80
N LEU A 126 0.06 19.78 -12.77
CA LEU A 126 -0.83 19.38 -13.85
C LEU A 126 -2.09 20.23 -13.86
N ALA A 127 -2.68 20.47 -12.69
CA ALA A 127 -3.90 21.27 -12.61
C ALA A 127 -3.66 22.74 -12.86
N LYS A 128 -2.43 23.23 -12.65
CA LYS A 128 -2.16 24.66 -12.80
C LYS A 128 -1.91 25.06 -14.25
N GLN A 129 -1.58 24.10 -15.13
CA GLN A 129 -1.21 24.41 -16.50
C GLN A 129 -2.38 24.13 -17.43
N THR A 130 -2.18 24.38 -18.72
CA THR A 130 -3.24 24.34 -19.72
C THR A 130 -2.91 23.47 -20.92
N LYS A 131 -1.64 23.44 -21.35
CA LYS A 131 -1.28 22.75 -22.58
C LYS A 131 -1.65 21.26 -22.52
N ILE A 132 -1.40 20.62 -21.38
CA ILE A 132 -1.54 19.17 -21.25
C ILE A 132 -2.97 18.86 -20.80
N GLU A 133 -3.66 18.01 -21.57
CA GLU A 133 -4.96 17.49 -21.15
C GLU A 133 -4.79 16.31 -20.21
N TYR A 134 -5.79 16.09 -19.36
CA TYR A 134 -5.72 14.98 -18.43
C TYR A 134 -7.13 14.47 -18.09
N GLY A 135 -7.21 13.20 -17.78
CA GLY A 135 -8.48 12.59 -17.44
C GLY A 135 -8.29 11.23 -16.81
N ALA A 136 -9.38 10.47 -16.76
CA ALA A 136 -9.38 9.15 -16.13
C ALA A 136 -10.37 8.25 -16.84
N VAL A 137 -10.33 6.96 -16.49
CA VAL A 137 -11.29 6.01 -17.03
C VAL A 137 -12.69 6.39 -16.56
N ARG A 138 -13.65 6.31 -17.48
CA ARG A 138 -15.01 6.70 -17.18
C ARG A 138 -15.69 5.65 -16.30
N ASP A 139 -16.38 6.12 -15.26
CA ASP A 139 -17.18 5.26 -14.38
C ASP A 139 -16.32 4.20 -13.68
N GLY A 140 -15.12 4.62 -13.26
CA GLY A 140 -14.27 3.83 -12.40
C GLY A 140 -14.10 4.49 -11.03
N SER A 141 -13.29 3.85 -10.20
CA SER A 141 -13.06 4.37 -8.85
C SER A 141 -12.24 5.65 -8.88
N THR A 142 -11.33 5.79 -9.84
CA THR A 142 -10.55 7.02 -9.94
C THR A 142 -11.44 8.21 -10.32
N MET A 143 -12.35 8.02 -11.28
CA MET A 143 -13.29 9.09 -11.60
C MET A 143 -14.12 9.46 -10.38
N THR A 144 -14.62 8.46 -9.64
CA THR A 144 -15.42 8.72 -8.45
C THR A 144 -14.62 9.44 -7.38
N PHE A 145 -13.34 9.09 -7.23
CA PHE A 145 -12.49 9.77 -6.25
C PHE A 145 -12.48 11.28 -6.49
N PHE A 146 -12.25 11.69 -7.73
CA PHE A 146 -12.22 13.12 -8.04
C PHE A 146 -13.62 13.73 -8.00
N LYS A 147 -14.64 12.98 -8.41
CA LYS A 147 -16.00 13.51 -8.40
C LYS A 147 -16.45 13.87 -6.99
N LYS A 148 -16.07 13.05 -6.01
CA LYS A 148 -16.50 13.24 -4.63
C LYS A 148 -15.49 13.99 -3.76
N SER A 149 -14.31 14.29 -4.28
CA SER A 149 -13.27 14.90 -3.46
C SER A 149 -13.67 16.29 -3.00
N LYS A 150 -13.26 16.64 -1.79
CA LYS A 150 -13.43 17.98 -1.24
C LYS A 150 -12.11 18.75 -1.17
N ILE A 151 -11.08 18.28 -1.88
CA ILE A 151 -9.77 18.91 -1.86
C ILE A 151 -9.70 19.88 -3.03
N SER A 152 -9.29 21.12 -2.74
CA SER A 152 -9.36 22.20 -3.74
CA SER A 152 -9.36 22.20 -3.74
C SER A 152 -8.76 21.78 -5.07
N THR A 153 -7.49 21.39 -5.08
CA THR A 153 -6.83 21.04 -6.33
C THR A 153 -7.56 19.92 -7.05
N TYR A 154 -8.03 18.90 -6.31
CA TYR A 154 -8.73 17.80 -6.95
C TYR A 154 -10.12 18.22 -7.43
N GLU A 155 -10.74 19.19 -6.74
CA GLU A 155 -12.01 19.72 -7.22
C GLU A 155 -11.85 20.43 -8.55
N LYS A 156 -10.80 21.23 -8.69
CA LYS A 156 -10.52 21.88 -9.97
C LYS A 156 -10.26 20.84 -11.05
N MET A 157 -9.51 19.79 -10.73
CA MET A 157 -9.21 18.75 -11.71
C MET A 157 -10.48 18.05 -12.16
N TRP A 158 -11.43 17.84 -11.24
CA TRP A 158 -12.70 17.22 -11.62
C TRP A 158 -13.49 18.14 -12.53
N ALA A 159 -13.54 19.44 -12.21
CA ALA A 159 -14.23 20.39 -13.07
C ALA A 159 -13.68 20.34 -14.50
N PHE A 160 -12.35 20.30 -14.65
CA PHE A 160 -11.77 20.17 -15.97
C PHE A 160 -12.18 18.85 -16.62
N MET A 161 -12.09 17.75 -15.86
CA MET A 161 -12.54 16.46 -16.36
C MET A 161 -14.03 16.47 -16.69
N SER A 162 -14.83 17.17 -15.87
CA SER A 162 -16.27 17.19 -16.07
C SER A 162 -16.69 18.06 -17.25
N SER A 163 -15.75 18.77 -17.88
CA SER A 163 -16.07 19.64 -18.99
C SER A 163 -16.33 18.86 -20.28
N ARG A 164 -16.98 19.53 -21.23
CA ARG A 164 -17.23 19.00 -22.57
C ARG A 164 -17.77 17.57 -22.51
N GLN A 165 -18.81 17.37 -21.71
CA GLN A 165 -19.46 16.06 -21.59
C GLN A 165 -18.44 14.97 -21.28
N GLN A 166 -17.47 15.31 -20.42
CA GLN A 166 -16.46 14.36 -19.98
C GLN A 166 -15.61 13.83 -21.13
N SER A 167 -15.36 14.68 -22.14
CA SER A 167 -14.51 14.27 -23.25
C SER A 167 -13.09 13.95 -22.80
N ALA A 168 -12.66 14.50 -21.65
CA ALA A 168 -11.34 14.20 -21.11
C ALA A 168 -11.28 12.79 -20.54
N LEU A 169 -12.43 12.16 -20.28
CA LEU A 169 -12.44 10.79 -19.78
C LEU A 169 -12.29 9.82 -20.95
N VAL A 170 -11.84 8.60 -20.63
CA VAL A 170 -11.62 7.57 -21.62
C VAL A 170 -12.44 6.34 -21.23
N LYS A 171 -12.71 5.50 -22.23
CA LYS A 171 -13.54 4.33 -22.01
C LYS A 171 -12.83 3.29 -21.14
N ASN A 172 -11.53 3.12 -21.34
CA ASN A 172 -10.78 2.12 -20.59
C ASN A 172 -9.30 2.50 -20.61
N SER A 173 -8.50 1.72 -19.88
CA SER A 173 -7.08 2.04 -19.74
C SER A 173 -6.37 2.05 -21.07
N ASP A 174 -6.64 1.05 -21.92
CA ASP A 174 -5.96 0.97 -23.22
C ASP A 174 -6.18 2.23 -24.03
N GLU A 175 -7.43 2.70 -24.10
CA GLU A 175 -7.71 3.96 -24.79
C GLU A 175 -6.94 5.11 -24.15
N GLY A 176 -6.81 5.10 -22.82
CA GLY A 176 -6.07 6.14 -22.16
C GLY A 176 -4.58 6.08 -22.45
N ILE A 177 -4.01 4.87 -22.51
CA ILE A 177 -2.60 4.72 -22.83
C ILE A 177 -2.32 5.22 -24.24
N GLN A 178 -3.16 4.83 -25.20
CA GLN A 178 -3.00 5.31 -26.57
C GLN A 178 -3.05 6.83 -26.62
N ARG A 179 -3.93 7.44 -25.81
CA ARG A 179 -4.04 8.89 -25.80
C ARG A 179 -2.79 9.54 -25.23
N VAL A 180 -2.18 8.91 -24.22
CA VAL A 180 -0.93 9.44 -23.67
C VAL A 180 0.19 9.36 -24.71
N LEU A 181 0.20 8.29 -25.52
CA LEU A 181 1.31 8.07 -26.44
C LEU A 181 1.24 9.01 -27.64
N THR A 182 0.04 9.30 -28.12
CA THR A 182 -0.14 9.99 -29.40
C THR A 182 -0.47 11.47 -29.25
N THR A 183 -0.88 11.91 -28.07
CA THR A 183 -1.24 13.32 -27.86
C THR A 183 -0.59 13.79 -26.56
N ASP A 184 -0.72 15.10 -26.31
CA ASP A 184 -0.21 15.69 -25.08
C ASP A 184 -1.28 15.46 -24.01
N TYR A 185 -1.21 14.30 -23.37
CA TYR A 185 -2.27 13.85 -22.48
C TYR A 185 -1.65 13.09 -21.31
N ALA A 186 -2.18 13.34 -20.11
CA ALA A 186 -1.76 12.65 -18.89
C ALA A 186 -2.96 11.93 -18.32
N LEU A 187 -2.77 10.66 -17.96
CA LEU A 187 -3.86 9.79 -17.53
C LEU A 187 -3.77 9.56 -16.03
N LEU A 188 -4.84 9.91 -15.31
CA LEU A 188 -4.94 9.58 -13.90
C LEU A 188 -5.28 8.09 -13.79
N MET A 189 -4.36 7.33 -13.22
CA MET A 189 -4.36 5.88 -13.33
C MET A 189 -3.90 5.28 -12.02
N GLU A 190 -4.27 4.02 -11.80
CA GLU A 190 -3.87 3.32 -10.59
C GLU A 190 -2.44 2.80 -10.72
N SER A 191 -1.70 2.86 -9.61
CA SER A 191 -0.26 2.67 -9.66
C SER A 191 0.11 1.30 -10.20
N THR A 192 -0.69 0.27 -9.91
CA THR A 192 -0.39 -1.07 -10.39
C THR A 192 -0.39 -1.12 -11.91
N SER A 193 -1.34 -0.43 -12.54
CA SER A 193 -1.36 -0.39 -14.01
C SER A 193 -0.20 0.44 -14.54
N ILE A 194 0.13 1.54 -13.87
CA ILE A 194 1.26 2.36 -14.29
C ILE A 194 2.55 1.54 -14.23
N GLU A 195 2.74 0.77 -13.15
CA GLU A 195 3.92 -0.08 -13.03
C GLU A 195 4.02 -1.03 -14.22
N TYR A 196 2.89 -1.64 -14.62
CA TYR A 196 2.92 -2.54 -15.77
C TYR A 196 3.33 -1.81 -17.04
N VAL A 197 2.72 -0.65 -17.31
CA VAL A 197 2.97 0.03 -18.58
C VAL A 197 4.42 0.52 -18.64
N THR A 198 4.90 1.12 -17.56
CA THR A 198 6.25 1.68 -17.57
C THR A 198 7.31 0.58 -17.69
N GLN A 199 7.04 -0.60 -17.16
CA GLN A 199 7.97 -1.72 -17.32
C GLN A 199 8.00 -2.21 -18.77
N ARG A 200 6.92 -2.01 -19.51
CA ARG A 200 6.93 -2.31 -20.94
C ARG A 200 7.53 -1.15 -21.73
N ASN A 201 6.91 0.03 -21.63
CA ASN A 201 7.31 1.21 -22.40
C ASN A 201 8.22 2.06 -21.53
N CYS A 202 9.52 2.06 -21.86
CA CYS A 202 10.51 2.82 -21.10
C CYS A 202 10.47 4.32 -21.38
N ASN A 203 9.59 4.77 -22.28
CA ASN A 203 9.43 6.20 -22.54
C ASN A 203 8.36 6.85 -21.66
N LEU A 204 7.56 6.06 -20.97
CA LEU A 204 6.56 6.60 -20.05
C LEU A 204 7.06 6.49 -18.61
N THR A 205 6.38 7.21 -17.73
CA THR A 205 6.78 7.24 -16.32
C THR A 205 5.59 7.67 -15.48
N GLN A 206 5.72 7.45 -14.18
CA GLN A 206 4.76 7.93 -13.19
C GLN A 206 5.15 9.34 -12.76
N ILE A 207 4.16 10.23 -12.68
CA ILE A 207 4.36 11.60 -12.26
C ILE A 207 3.87 11.74 -10.82
N GLY A 208 4.73 12.25 -9.96
CA GLY A 208 4.39 12.42 -8.56
C GLY A 208 4.25 11.08 -7.86
N GLY A 209 3.67 11.13 -6.67
CA GLY A 209 3.43 9.96 -5.86
C GLY A 209 1.98 9.54 -5.87
N LEU A 210 1.62 8.73 -4.88
CA LEU A 210 0.24 8.27 -4.74
C LEU A 210 -0.57 9.33 -4.02
N ILE A 211 -1.77 9.64 -4.54
CA ILE A 211 -2.66 10.60 -3.90
C ILE A 211 -3.71 9.91 -3.02
N ASP A 212 -3.74 8.58 -3.00
CA ASP A 212 -4.55 7.83 -2.05
C ASP A 212 -4.02 6.41 -2.00
N SER A 213 -4.63 5.58 -1.15
CA SER A 213 -4.19 4.20 -0.96
C SER A 213 -5.41 3.31 -0.82
N LYS A 214 -5.51 2.30 -1.69
CA LYS A 214 -6.66 1.42 -1.75
C LYS A 214 -6.16 0.00 -1.97
N GLY A 215 -7.10 -0.92 -2.18
CA GLY A 215 -6.76 -2.29 -2.52
C GLY A 215 -7.76 -2.87 -3.50
N TYR A 216 -7.34 -3.94 -4.16
CA TYR A 216 -8.21 -4.71 -5.02
C TYR A 216 -8.78 -5.89 -4.24
N GLY A 217 -10.07 -6.14 -4.42
CA GLY A 217 -10.71 -7.28 -3.80
C GLY A 217 -11.66 -7.95 -4.76
N VAL A 218 -11.95 -9.21 -4.47
CA VAL A 218 -12.95 -9.96 -5.22
C VAL A 218 -14.33 -9.49 -4.79
N GLY A 219 -15.16 -9.12 -5.76
CA GLY A 219 -16.50 -8.66 -5.47
C GLY A 219 -17.49 -9.81 -5.48
N THR A 220 -18.44 -9.76 -4.57
CA THR A 220 -19.51 -10.74 -4.48
C THR A 220 -20.80 -10.00 -4.16
N PRO A 221 -21.96 -10.58 -4.46
CA PRO A 221 -23.21 -9.99 -4.00
C PRO A 221 -23.22 -9.91 -2.48
N ILE A 222 -24.02 -8.97 -1.95
CA ILE A 222 -24.07 -8.78 -0.52
C ILE A 222 -24.46 -10.09 0.16
N GLY A 223 -23.76 -10.42 1.24
CA GLY A 223 -24.05 -11.60 2.01
C GLY A 223 -23.62 -12.91 1.39
N SER A 224 -22.87 -12.88 0.29
CA SER A 224 -22.47 -14.11 -0.37
C SER A 224 -21.55 -14.92 0.56
N PRO A 225 -21.76 -16.24 0.65
CA PRO A 225 -20.88 -17.05 1.51
C PRO A 225 -19.47 -17.20 0.97
N TYR A 226 -19.24 -16.90 -0.31
CA TYR A 226 -17.91 -17.07 -0.87
C TYR A 226 -16.98 -15.92 -0.50
N ARG A 227 -17.51 -14.80 -0.02
CA ARG A 227 -16.66 -13.67 0.34
C ARG A 227 -15.67 -14.09 1.43
N ASP A 228 -16.19 -14.62 2.54
CA ASP A 228 -15.31 -15.05 3.63
C ASP A 228 -14.43 -16.21 3.20
N LYS A 229 -14.98 -17.15 2.42
CA LYS A 229 -14.19 -18.27 1.94
C LYS A 229 -13.07 -17.80 1.01
N ILE A 230 -13.36 -16.83 0.14
CA ILE A 230 -12.32 -16.30 -0.74
C ILE A 230 -11.25 -15.58 0.07
N THR A 231 -11.66 -14.83 1.10
CA THR A 231 -10.67 -14.21 1.98
C THR A 231 -9.76 -15.26 2.59
N ILE A 232 -10.33 -16.37 3.07
CA ILE A 232 -9.52 -17.45 3.62
C ILE A 232 -8.53 -17.95 2.59
N ALA A 233 -8.96 -18.05 1.32
CA ALA A 233 -8.06 -18.50 0.27
C ALA A 233 -6.95 -17.50 0.03
N ILE A 234 -7.29 -16.21 -0.05
CA ILE A 234 -6.29 -15.19 -0.30
C ILE A 234 -5.19 -15.22 0.77
N LEU A 235 -5.59 -15.36 2.04
CA LEU A 235 -4.60 -15.47 3.10
C LEU A 235 -3.71 -16.68 2.88
N GLN A 236 -4.29 -17.82 2.52
CA GLN A 236 -3.49 -19.01 2.26
C GLN A 236 -2.50 -18.76 1.13
N LEU A 237 -2.94 -18.07 0.08
CA LEU A 237 -2.03 -17.76 -1.03
C LEU A 237 -0.94 -16.77 -0.60
N GLN A 238 -1.21 -15.96 0.42
CA GLN A 238 -0.19 -15.06 0.94
C GLN A 238 0.87 -15.81 1.74
N GLU A 239 0.42 -16.69 2.64
CA GLU A 239 1.37 -17.48 3.43
C GLU A 239 2.22 -18.37 2.55
N GLU A 240 1.66 -18.86 1.45
CA GLU A 240 2.39 -19.71 0.50
C GLU A 240 3.27 -18.91 -0.46
N GLY A 241 3.11 -17.59 -0.51
CA GLY A 241 3.87 -16.77 -1.44
C GLY A 241 3.40 -16.84 -2.87
N LYS A 242 2.24 -17.45 -3.13
CA LYS A 242 1.76 -17.60 -4.50
C LYS A 242 1.40 -16.27 -5.12
N LEU A 243 0.69 -15.41 -4.37
CA LEU A 243 0.33 -14.09 -4.89
C LEU A 243 1.58 -13.33 -5.34
N HIS A 244 2.68 -13.47 -4.60
CA HIS A 244 3.92 -12.85 -5.02
C HIS A 244 4.44 -13.48 -6.30
N MET A 245 4.37 -14.81 -6.41
CA MET A 245 4.77 -15.49 -7.64
C MET A 245 3.91 -15.02 -8.81
N MET A 246 2.61 -14.87 -8.60
CA MET A 246 1.72 -14.41 -9.66
C MET A 246 2.09 -13.00 -10.10
N LYS A 247 2.31 -12.11 -9.13
CA LYS A 247 2.71 -10.74 -9.45
C LYS A 247 3.94 -10.74 -10.34
N GLU A 248 4.99 -11.44 -9.92
CA GLU A 248 6.23 -11.46 -10.68
C GLU A 248 6.02 -12.05 -12.08
N LYS A 249 5.16 -13.07 -12.18
CA LYS A 249 4.94 -13.71 -13.48
C LYS A 249 4.42 -12.72 -14.51
N TRP A 250 3.47 -11.87 -14.12
CA TRP A 250 2.79 -10.99 -15.08
C TRP A 250 3.33 -9.56 -15.06
N TRP A 251 4.06 -9.17 -14.02
CA TRP A 251 4.68 -7.84 -13.98
C TRP A 251 6.19 -7.95 -14.19
N GLY B 1 2.28 35.53 23.83
CA GLY B 1 3.71 35.16 23.67
C GLY B 1 3.95 34.26 22.47
N ALA B 2 5.22 34.00 22.18
CA ALA B 2 5.56 33.14 21.06
C ALA B 2 4.99 31.74 21.27
N ASN B 3 4.71 31.06 20.16
CA ASN B 3 4.16 29.71 20.22
C ASN B 3 5.13 28.78 20.96
N ARG B 4 4.58 27.91 21.80
CA ARG B 4 5.39 26.96 22.53
C ARG B 4 6.10 26.00 21.59
N THR B 5 7.36 25.71 21.89
CA THR B 5 8.11 24.72 21.13
C THR B 5 7.55 23.32 21.40
N LEU B 6 7.22 22.60 20.33
CA LEU B 6 6.65 21.27 20.46
C LEU B 6 7.76 20.24 20.64
N ILE B 7 7.48 19.23 21.47
CA ILE B 7 8.41 18.13 21.69
C ILE B 7 8.07 17.00 20.73
N VAL B 8 9.03 16.60 19.92
CA VAL B 8 8.85 15.55 18.92
C VAL B 8 9.65 14.34 19.38
N THR B 9 8.95 13.22 19.57
CA THR B 9 9.60 11.96 19.91
C THR B 9 9.87 11.14 18.66
N THR B 10 11.01 10.47 18.62
CA THR B 10 11.38 9.67 17.46
C THR B 10 12.40 8.63 17.88
N ILE B 11 12.82 7.82 16.92
CA ILE B 11 13.76 6.72 17.15
C ILE B 11 14.76 6.69 16.00
N LEU B 12 16.02 6.39 16.32
CA LEU B 12 17.04 6.22 15.29
C LEU B 12 16.66 5.04 14.39
N GLU B 13 16.46 5.32 13.10
CA GLU B 13 15.99 4.31 12.16
C GLU B 13 16.28 4.80 10.76
N GLU B 14 17.12 4.07 10.04
CA GLU B 14 17.51 4.48 8.69
C GLU B 14 16.40 4.19 7.68
N PRO B 15 16.14 5.10 6.74
CA PRO B 15 16.71 6.44 6.55
C PRO B 15 15.86 7.55 7.18
N TYR B 16 15.00 7.17 8.12
CA TYR B 16 14.06 8.13 8.70
C TYR B 16 14.76 9.10 9.64
N VAL B 17 15.58 8.58 10.55
CA VAL B 17 16.30 9.38 11.53
C VAL B 17 17.69 8.81 11.67
N MET B 18 18.71 9.63 11.41
CA MET B 18 20.08 9.17 11.42
C MET B 18 20.97 10.27 11.98
N TYR B 19 22.04 9.86 12.66
CA TYR B 19 23.04 10.80 13.14
C TYR B 19 23.77 11.42 11.95
N ARG B 20 23.79 12.75 11.90
CA ARG B 20 24.56 13.44 10.89
C ARG B 20 26.05 13.21 11.10
N LYS B 21 26.72 12.75 10.04
CA LYS B 21 28.14 12.47 10.12
C LYS B 21 28.92 13.74 10.44
N SER B 22 29.77 13.66 11.46
CA SER B 22 30.57 14.82 11.84
C SER B 22 31.71 14.37 12.74
N ASP B 23 32.79 15.15 12.73
CA ASP B 23 33.87 14.95 13.70
C ASP B 23 33.51 15.68 14.99
N LYS B 24 33.43 17.00 14.94
CA LYS B 24 32.89 17.80 16.02
C LYS B 24 31.52 17.27 16.43
N PRO B 25 31.33 16.82 17.67
CA PRO B 25 30.00 16.41 18.11
C PRO B 25 28.98 17.52 17.91
N LEU B 26 27.75 17.11 17.58
CA LEU B 26 26.66 18.02 17.30
C LEU B 26 25.62 17.94 18.40
N TYR B 27 24.82 19.02 18.50
CA TYR B 27 23.84 19.16 19.56
C TYR B 27 22.51 19.65 18.98
N GLY B 28 21.45 19.39 19.75
CA GLY B 28 20.11 19.81 19.37
C GLY B 28 19.61 19.06 18.15
N ASN B 29 18.81 19.76 17.35
CA ASN B 29 18.20 19.12 16.17
C ASN B 29 19.24 18.86 15.09
N ASP B 30 20.31 19.64 15.05
CA ASP B 30 21.33 19.48 14.02
C ASP B 30 22.04 18.13 14.10
N ARG B 31 21.83 17.37 15.17
CA ARG B 31 22.42 16.04 15.26
C ARG B 31 21.84 15.09 14.23
N PHE B 32 20.61 15.34 13.79
CA PHE B 32 19.84 14.36 13.04
C PHE B 32 19.64 14.79 11.59
N GLU B 33 19.38 13.79 10.74
CA GLU B 33 19.00 13.99 9.36
C GLU B 33 18.18 12.79 8.93
N GLY B 34 17.38 12.98 7.88
CA GLY B 34 16.61 11.88 7.33
C GLY B 34 15.24 12.26 6.83
N TYR B 35 14.49 11.25 6.37
CA TYR B 35 13.16 11.50 5.81
C TYR B 35 12.26 12.20 6.82
N CYS B 36 12.25 11.71 8.06
CA CYS B 36 11.36 12.28 9.07
C CYS B 36 11.80 13.68 9.49
N LEU B 37 13.10 13.97 9.45
CA LEU B 37 13.54 15.34 9.70
C LEU B 37 13.06 16.28 8.60
N ASP B 38 13.17 15.84 7.34
CA ASP B 38 12.64 16.65 6.25
C ASP B 38 11.12 16.80 6.37
N LEU B 39 10.42 15.71 6.72
CA LEU B 39 8.99 15.80 6.95
C LEU B 39 8.68 16.77 8.08
N LEU B 40 9.43 16.67 9.18
CA LEU B 40 9.22 17.59 10.29
C LEU B 40 9.47 19.03 9.88
N LYS B 41 10.41 19.25 8.96
CA LYS B 41 10.67 20.60 8.47
C LYS B 41 9.48 21.16 7.72
N GLU B 42 8.87 20.35 6.84
CA GLU B 42 7.71 20.80 6.07
C GLU B 42 6.50 21.03 6.97
N LEU B 43 6.20 20.07 7.85
CA LEU B 43 5.10 20.26 8.79
C LEU B 43 5.35 21.49 9.67
N SER B 44 6.60 21.68 10.09
CA SER B 44 6.93 22.83 10.93
C SER B 44 6.55 24.13 10.24
N ASN B 45 6.82 24.25 8.95
CA ASN B 45 6.54 25.50 8.24
C ASN B 45 5.04 25.70 8.06
N ILE B 46 4.32 24.65 7.64
CA ILE B 46 2.90 24.80 7.34
C ILE B 46 2.12 25.20 8.59
N LEU B 47 2.41 24.55 9.72
CA LEU B 47 1.70 24.86 10.97
C LEU B 47 2.34 25.98 11.75
N GLY B 48 3.60 26.29 11.50
CA GLY B 48 4.25 27.42 12.13
C GLY B 48 4.64 27.17 13.58
N PHE B 49 5.55 26.24 13.82
CA PHE B 49 6.03 25.97 15.17
C PHE B 49 7.50 25.58 15.13
N LEU B 50 8.18 25.83 16.24
CA LEU B 50 9.50 25.25 16.48
C LEU B 50 9.34 23.89 17.16
N TYR B 51 10.39 23.10 17.11
CA TYR B 51 10.32 21.74 17.64
C TYR B 51 11.66 21.35 18.25
N ASP B 52 11.61 20.42 19.20
CA ASP B 52 12.79 19.87 19.85
C ASP B 52 12.68 18.35 19.79
N VAL B 53 13.66 17.73 19.14
CA VAL B 53 13.64 16.29 18.88
C VAL B 53 14.23 15.56 20.07
N LYS B 54 13.49 14.58 20.60
CA LYS B 54 13.95 13.74 21.71
C LYS B 54 13.77 12.28 21.35
N LEU B 55 14.81 11.47 21.54
CA LEU B 55 14.75 10.06 21.22
C LEU B 55 14.02 9.29 22.34
N VAL B 56 13.23 8.32 21.94
CA VAL B 56 12.53 7.48 22.93
C VAL B 56 13.57 6.79 23.81
N PRO B 57 13.51 6.92 25.15
CA PRO B 57 14.56 6.32 25.98
C PRO B 57 14.79 4.83 25.74
N ASP B 58 13.73 4.03 25.70
CA ASP B 58 13.91 2.58 25.54
C ASP B 58 14.08 2.15 24.08
N GLY B 59 14.04 3.08 23.13
CA GLY B 59 14.27 2.75 21.74
C GLY B 59 13.23 1.85 21.11
N LYS B 60 12.05 1.75 21.72
CA LYS B 60 10.97 0.90 21.21
C LYS B 60 9.84 1.75 20.65
N TYR B 61 9.18 1.23 19.62
CA TYR B 61 8.07 1.97 19.02
C TYR B 61 6.80 1.83 19.85
N GLY B 62 6.55 0.65 20.43
CA GLY B 62 5.49 0.52 21.40
C GLY B 62 4.61 -0.69 21.24
N ALA B 63 4.48 -1.45 22.33
CA ALA B 63 3.51 -2.54 22.42
C ALA B 63 3.03 -2.60 23.86
N GLN B 64 1.91 -3.28 24.07
CA GLN B 64 1.37 -3.44 25.41
C GLN B 64 1.57 -4.88 25.87
N ASN B 65 1.99 -5.02 27.12
CA ASN B 65 2.23 -6.34 27.70
C ASN B 65 0.92 -6.97 28.17
N ASP B 66 1.02 -8.15 28.77
CA ASP B 66 -0.15 -8.85 29.26
C ASP B 66 -0.84 -8.10 30.40
N LYS B 67 -0.14 -7.16 31.03
CA LYS B 67 -0.71 -6.32 32.07
C LYS B 67 -1.41 -5.09 31.53
N GLY B 68 -1.48 -4.93 30.20
CA GLY B 68 -2.11 -3.79 29.59
C GLY B 68 -1.28 -2.53 29.58
N GLU B 69 0.01 -2.62 29.88
CA GLU B 69 0.89 -1.47 29.97
C GLU B 69 1.64 -1.27 28.66
N TRP B 70 1.59 -0.06 28.13
CA TRP B 70 2.31 0.26 26.90
C TRP B 70 3.71 0.75 27.22
N ASN B 71 4.57 0.69 26.22
CA ASN B 71 5.93 1.20 26.35
C ASN B 71 6.32 1.93 25.07
N GLY B 72 7.57 2.36 25.01
CA GLY B 72 8.12 2.92 23.80
C GLY B 72 7.47 4.23 23.39
N MET B 73 7.50 4.48 22.07
CA MET B 73 7.02 5.75 21.54
C MET B 73 5.54 5.97 21.85
N VAL B 74 4.74 4.90 21.80
CA VAL B 74 3.32 5.01 22.11
C VAL B 74 3.13 5.53 23.54
N LYS B 75 3.93 5.02 24.49
CA LYS B 75 3.76 5.43 25.88
C LYS B 75 4.15 6.89 26.08
N GLU B 76 5.13 7.38 25.34
CA GLU B 76 5.52 8.78 25.45
C GLU B 76 4.34 9.69 25.09
N LEU B 77 3.55 9.31 24.09
CA LEU B 77 2.38 10.10 23.71
C LEU B 77 1.29 9.98 24.77
N ILE B 78 1.04 8.76 25.27
CA ILE B 78 0.01 8.56 26.27
C ILE B 78 0.28 9.42 27.50
N ASP B 79 1.53 9.46 27.94
CA ASP B 79 1.91 10.20 29.14
C ASP B 79 2.15 11.68 28.88
N HIS B 80 1.90 12.16 27.66
CA HIS B 80 2.05 13.57 27.33
C HIS B 80 3.47 14.06 27.56
N ARG B 81 4.46 13.19 27.32
CA ARG B 81 5.86 13.58 27.32
C ARG B 81 6.35 14.01 25.95
N ALA B 82 5.49 13.97 24.94
CA ALA B 82 5.80 14.46 23.61
C ALA B 82 4.51 14.92 22.96
N ASP B 83 4.59 16.01 22.18
CA ASP B 83 3.42 16.50 21.49
C ASP B 83 3.16 15.76 20.18
N LEU B 84 4.23 15.35 19.50
CA LEU B 84 4.12 14.67 18.21
C LEU B 84 5.12 13.53 18.16
N ALA B 85 4.75 12.50 17.41
CA ALA B 85 5.65 11.39 17.08
C ALA B 85 5.84 11.38 15.56
N VAL B 86 6.91 12.01 15.09
CA VAL B 86 7.22 12.07 13.67
C VAL B 86 8.23 10.95 13.41
N ALA B 87 7.71 9.81 12.98
CA ALA B 87 8.49 8.59 12.83
C ALA B 87 7.70 7.62 11.98
N PRO B 88 8.31 6.54 11.51
CA PRO B 88 7.53 5.51 10.81
C PRO B 88 6.68 4.70 11.79
N LEU B 89 5.73 5.37 12.44
CA LEU B 89 4.90 4.74 13.46
C LEU B 89 3.72 4.07 12.76
N THR B 90 3.70 2.74 12.77
CA THR B 90 2.68 2.00 12.04
C THR B 90 1.30 2.22 12.64
N ILE B 91 0.33 2.51 11.79
CA ILE B 91 -1.05 2.75 12.23
C ILE B 91 -1.72 1.39 12.44
N THR B 92 -2.09 1.10 13.67
CA THR B 92 -2.66 -0.18 14.03
C THR B 92 -3.90 0.03 14.90
N TYR B 93 -4.87 -0.88 14.75
CA TYR B 93 -6.10 -0.84 15.55
C TYR B 93 -5.80 -0.76 17.04
N VAL B 94 -4.89 -1.60 17.53
CA VAL B 94 -4.60 -1.61 18.96
C VAL B 94 -3.99 -0.28 19.40
N ARG B 95 -3.15 0.31 18.54
CA ARG B 95 -2.57 1.61 18.89
C ARG B 95 -3.61 2.72 18.80
N GLU B 96 -4.54 2.63 17.85
CA GLU B 96 -5.59 3.63 17.73
C GLU B 96 -6.52 3.65 18.94
N LYS B 97 -6.43 2.67 19.83
CA LYS B 97 -7.22 2.73 21.06
C LYS B 97 -6.67 3.73 22.05
N VAL B 98 -5.37 4.02 22.00
CA VAL B 98 -4.70 4.78 23.05
C VAL B 98 -4.04 6.05 22.55
N ILE B 99 -3.87 6.23 21.23
CA ILE B 99 -3.33 7.47 20.68
C ILE B 99 -4.05 7.78 19.37
N ASP B 100 -3.80 8.97 18.85
CA ASP B 100 -4.33 9.41 17.57
C ASP B 100 -3.24 9.32 16.50
N PHE B 101 -3.67 9.15 15.26
CA PHE B 101 -2.78 9.15 14.10
C PHE B 101 -3.30 10.12 13.07
N SER B 102 -2.36 10.74 12.35
CA SER B 102 -2.73 11.46 11.14
C SER B 102 -3.07 10.47 10.05
N LYS B 103 -3.59 10.99 8.94
CA LYS B 103 -3.70 10.18 7.75
C LYS B 103 -2.32 9.66 7.39
N PRO B 104 -2.23 8.51 6.71
CA PRO B 104 -0.90 7.93 6.44
C PRO B 104 -0.11 8.75 5.42
N PHE B 105 1.19 8.88 5.68
CA PHE B 105 2.10 9.51 4.73
C PHE B 105 2.93 8.50 3.95
N MET B 106 2.79 7.21 4.24
CA MET B 106 3.54 6.18 3.54
C MET B 106 2.87 4.84 3.81
N THR B 107 2.88 3.96 2.81
CA THR B 107 2.27 2.64 2.92
C THR B 107 3.36 1.58 2.92
N LEU B 108 3.06 0.45 3.57
CA LEU B 108 4.05 -0.61 3.74
C LEU B 108 3.31 -1.91 4.07
N GLY B 109 4.07 -2.99 4.19
CA GLY B 109 3.56 -4.27 4.62
C GLY B 109 4.66 -5.12 5.19
N ILE B 110 4.27 -6.11 5.99
CA ILE B 110 5.24 -7.03 6.57
C ILE B 110 5.75 -7.98 5.49
N SER B 111 7.06 -8.21 5.48
CA SER B 111 7.68 -9.17 4.57
C SER B 111 8.92 -9.72 5.25
N ILE B 112 9.70 -10.51 4.51
CA ILE B 112 10.82 -11.26 5.06
C ILE B 112 12.11 -10.77 4.40
N LEU B 113 13.12 -10.48 5.22
CA LEU B 113 14.46 -10.15 4.76
C LEU B 113 15.36 -11.36 5.00
N TYR B 114 16.15 -11.73 3.99
CA TYR B 114 16.97 -12.92 4.05
C TYR B 114 18.00 -12.87 2.93
N ARG B 115 18.98 -13.76 3.00
CA ARG B 115 20.02 -13.82 1.98
C ARG B 115 19.45 -14.30 0.65
N LYS B 116 20.18 -14.01 -0.43
CA LYS B 116 19.82 -14.44 -1.76
C LYS B 116 20.27 -15.89 -2.00
N GLY B 117 19.70 -16.49 -3.04
CA GLY B 117 20.16 -17.79 -3.50
C GLY B 117 19.77 -18.96 -2.61
N THR B 118 18.53 -18.98 -2.12
CA THR B 118 18.03 -20.04 -1.28
C THR B 118 16.70 -20.51 -1.80
N PRO B 119 16.26 -21.71 -1.40
CA PRO B 119 14.94 -22.20 -1.82
C PRO B 119 13.78 -21.69 -0.97
N ILE B 120 14.04 -20.82 0.00
CA ILE B 120 12.98 -20.25 0.82
C ILE B 120 12.21 -19.23 -0.01
N ASP B 121 10.89 -19.46 -0.16
CA ASP B 121 10.06 -18.64 -1.03
C ASP B 121 8.87 -18.03 -0.32
N SER B 122 8.64 -18.35 0.95
CA SER B 122 7.44 -17.85 1.63
C SER B 122 7.61 -18.04 3.13
N ALA B 123 6.65 -17.49 3.87
CA ALA B 123 6.60 -17.71 5.32
C ALA B 123 6.29 -19.16 5.66
N ASP B 124 5.51 -19.84 4.82
CA ASP B 124 5.23 -21.25 5.05
C ASP B 124 6.51 -22.07 5.05
N ASP B 125 7.39 -21.85 4.06
CA ASP B 125 8.67 -22.56 4.04
C ASP B 125 9.50 -22.23 5.27
N LEU B 126 9.44 -20.97 5.72
CA LEU B 126 10.21 -20.56 6.88
C LEU B 126 9.68 -21.23 8.14
N ALA B 127 8.35 -21.24 8.31
CA ALA B 127 7.75 -21.84 9.50
C ALA B 127 7.83 -23.36 9.48
N LYS B 128 7.99 -23.96 8.29
CA LYS B 128 8.01 -25.41 8.15
C LYS B 128 9.37 -26.02 8.46
N GLN B 129 10.44 -25.24 8.43
CA GLN B 129 11.80 -25.74 8.59
C GLN B 129 12.33 -25.44 9.99
N THR B 130 13.57 -25.85 10.23
CA THR B 130 14.19 -25.80 11.54
C THR B 130 15.56 -25.11 11.53
N LYS B 131 16.34 -25.29 10.46
CA LYS B 131 17.70 -24.76 10.43
C LYS B 131 17.72 -23.24 10.60
N ILE B 132 16.82 -22.53 9.92
CA ILE B 132 16.88 -21.07 9.84
C ILE B 132 16.08 -20.48 11.00
N GLU B 133 16.74 -19.64 11.79
CA GLU B 133 16.05 -18.87 12.81
C GLU B 133 15.40 -17.64 12.18
N TYR B 134 14.31 -17.18 12.80
CA TYR B 134 13.62 -16.00 12.28
C TYR B 134 12.92 -15.29 13.43
N GLY B 135 12.77 -13.97 13.28
CA GLY B 135 12.14 -13.17 14.30
C GLY B 135 11.81 -11.79 13.80
N ALA B 136 11.56 -10.88 14.74
CA ALA B 136 11.19 -9.52 14.43
C ALA B 136 11.72 -8.59 15.51
N VAL B 137 11.64 -7.28 15.25
CA VAL B 137 12.01 -6.29 16.25
C VAL B 137 11.07 -6.43 17.45
N ARG B 138 11.64 -6.37 18.65
CA ARG B 138 10.85 -6.54 19.86
C ARG B 138 10.01 -5.31 20.15
N ASP B 139 8.74 -5.54 20.52
CA ASP B 139 7.83 -4.49 20.93
C ASP B 139 7.56 -3.49 19.81
N GLY B 140 7.46 -3.99 18.58
CA GLY B 140 6.99 -3.23 17.45
C GLY B 140 5.67 -3.78 16.94
N SER B 141 5.19 -3.16 15.86
CA SER B 141 3.91 -3.58 15.29
C SER B 141 4.01 -4.94 14.62
N THR B 142 5.16 -5.29 14.04
CA THR B 142 5.33 -6.60 13.43
C THR B 142 5.27 -7.70 14.48
N MET B 143 5.94 -7.51 15.62
CA MET B 143 5.82 -8.48 16.70
C MET B 143 4.37 -8.63 17.14
N THR B 144 3.67 -7.50 17.29
CA THR B 144 2.28 -7.55 17.72
C THR B 144 1.41 -8.27 16.70
N PHE B 145 1.70 -8.09 15.42
CA PHE B 145 0.93 -8.79 14.38
C PHE B 145 0.95 -10.30 14.61
N PHE B 146 2.15 -10.86 14.82
CA PHE B 146 2.25 -12.30 15.01
C PHE B 146 1.70 -12.72 16.37
N LYS B 147 1.89 -11.88 17.40
CA LYS B 147 1.40 -12.23 18.73
C LYS B 147 -0.12 -12.35 18.75
N LYS B 148 -0.81 -11.51 17.99
CA LYS B 148 -2.27 -11.47 17.98
C LYS B 148 -2.90 -12.27 16.84
N SER B 149 -2.09 -12.82 15.93
CA SER B 149 -2.66 -13.46 14.75
C SER B 149 -3.53 -14.65 15.13
N LYS B 150 -4.61 -14.85 14.37
CA LYS B 150 -5.48 -16.01 14.50
C LYS B 150 -5.28 -16.99 13.36
N ILE B 151 -4.23 -16.82 12.56
CA ILE B 151 -3.95 -17.67 11.41
C ILE B 151 -2.93 -18.72 11.84
N SER B 152 -3.20 -19.98 11.47
CA SER B 152 -2.44 -21.10 11.99
C SER B 152 -0.93 -20.92 11.78
N THR B 153 -0.52 -20.67 10.54
CA THR B 153 0.91 -20.56 10.25
C THR B 153 1.57 -19.46 11.06
N TYR B 154 0.90 -18.30 11.19
CA TYR B 154 1.47 -17.20 11.95
C TYR B 154 1.44 -17.48 13.45
N GLU B 155 0.47 -18.28 13.91
CA GLU B 155 0.44 -18.69 15.31
C GLU B 155 1.65 -19.55 15.66
N LYS B 156 2.00 -20.49 14.78
CA LYS B 156 3.20 -21.29 14.98
C LYS B 156 4.45 -20.41 14.95
N MET B 157 4.50 -19.46 14.00
CA MET B 157 5.66 -18.59 13.89
C MET B 157 5.85 -17.75 15.16
N TRP B 158 4.74 -17.30 15.76
CA TRP B 158 4.86 -16.55 17.01
C TRP B 158 5.35 -17.46 18.13
N ALA B 159 4.79 -18.67 18.24
CA ALA B 159 5.26 -19.62 19.24
C ALA B 159 6.75 -19.86 19.09
N PHE B 160 7.24 -19.98 17.84
CA PHE B 160 8.67 -20.14 17.62
C PHE B 160 9.43 -18.89 18.05
N MET B 161 8.87 -17.71 17.80
CA MET B 161 9.56 -16.47 18.13
C MET B 161 9.63 -16.27 19.64
N SER B 162 8.56 -16.59 20.35
CA SER B 162 8.53 -16.40 21.79
C SER B 162 9.28 -17.47 22.57
N SER B 163 9.72 -18.53 21.91
CA SER B 163 10.42 -19.60 22.61
C SER B 163 11.84 -19.17 22.97
N ARG B 164 12.47 -19.94 23.84
CA ARG B 164 13.82 -19.65 24.32
C ARG B 164 13.93 -18.19 24.75
N GLN B 165 12.93 -17.75 25.52
CA GLN B 165 12.94 -16.41 26.12
C GLN B 165 13.05 -15.32 25.05
N GLN B 166 12.36 -15.52 23.92
CA GLN B 166 12.32 -14.53 22.84
C GLN B 166 13.69 -14.22 22.27
N SER B 167 14.59 -15.22 22.26
CA SER B 167 15.92 -15.01 21.70
C SER B 167 15.89 -14.75 20.20
N ALA B 168 14.84 -15.18 19.51
CA ALA B 168 14.73 -14.92 18.07
C ALA B 168 14.42 -13.46 17.76
N LEU B 169 13.93 -12.70 18.74
CA LEU B 169 13.64 -11.30 18.53
C LEU B 169 14.92 -10.47 18.63
N VAL B 170 14.88 -9.28 18.04
CA VAL B 170 16.01 -8.37 18.04
C VAL B 170 15.59 -7.02 18.61
N LYS B 171 16.60 -6.27 19.07
CA LYS B 171 16.33 -5.01 19.75
C LYS B 171 15.87 -3.94 18.77
N ASN B 172 16.43 -3.91 17.57
CA ASN B 172 16.07 -2.91 16.58
C ASN B 172 16.47 -3.43 15.19
N SER B 173 16.10 -2.66 14.16
CA SER B 173 16.34 -3.08 12.79
C SER B 173 17.82 -3.31 12.52
N ASP B 174 18.67 -2.37 12.98
CA ASP B 174 20.10 -2.49 12.73
C ASP B 174 20.64 -3.80 13.30
N GLU B 175 20.28 -4.12 14.54
CA GLU B 175 20.68 -5.39 15.13
C GLU B 175 20.14 -6.57 14.32
N GLY B 176 18.91 -6.44 13.81
CA GLY B 176 18.34 -7.51 13.01
C GLY B 176 19.05 -7.69 11.69
N ILE B 177 19.43 -6.59 11.05
CA ILE B 177 20.15 -6.68 9.77
C ILE B 177 21.50 -7.38 9.98
N GLN B 178 22.23 -6.97 11.01
CA GLN B 178 23.51 -7.61 11.30
C GLN B 178 23.33 -9.09 11.58
N ARG B 179 22.23 -9.46 12.24
CA ARG B 179 21.97 -10.86 12.53
C ARG B 179 21.72 -11.66 11.24
N VAL B 180 21.05 -11.04 10.27
CA VAL B 180 20.84 -11.70 8.99
C VAL B 180 22.17 -11.90 8.27
N LEU B 181 23.07 -10.93 8.39
CA LEU B 181 24.33 -10.98 7.64
C LEU B 181 25.30 -11.99 8.23
N THR B 182 25.31 -12.14 9.56
CA THR B 182 26.35 -12.90 10.23
C THR B 182 25.90 -14.30 10.67
N THR B 183 24.59 -14.58 10.68
CA THR B 183 24.08 -15.88 11.09
C THR B 183 23.01 -16.32 10.10
N ASP B 184 22.54 -17.56 10.28
CA ASP B 184 21.46 -18.10 9.46
C ASP B 184 20.15 -17.62 10.07
N TYR B 185 19.74 -16.41 9.69
CA TYR B 185 18.62 -15.73 10.34
C TYR B 185 17.84 -14.94 9.30
N ALA B 186 16.52 -14.99 9.41
CA ALA B 186 15.61 -14.24 8.53
C ALA B 186 14.80 -13.28 9.39
N LEU B 187 14.70 -12.04 8.94
CA LEU B 187 14.08 -10.97 9.73
C LEU B 187 12.72 -10.62 9.12
N LEU B 188 11.67 -10.74 9.93
CA LEU B 188 10.37 -10.24 9.56
C LEU B 188 10.37 -8.71 9.72
N MET B 189 10.19 -8.01 8.60
CA MET B 189 10.49 -6.59 8.51
C MET B 189 9.46 -5.92 7.61
N GLU B 190 9.30 -4.62 7.79
CA GLU B 190 8.36 -3.86 6.97
C GLU B 190 9.00 -3.53 5.62
N SER B 191 8.18 -3.59 4.57
CA SER B 191 8.70 -3.59 3.21
C SER B 191 9.51 -2.34 2.90
N THR B 192 9.12 -1.19 3.44
CA THR B 192 9.85 0.03 3.15
C THR B 192 11.29 -0.04 3.63
N SER B 193 11.51 -0.65 4.80
CA SER B 193 12.88 -0.83 5.28
C SER B 193 13.62 -1.87 4.45
N ILE B 194 12.95 -2.93 4.02
CA ILE B 194 13.60 -3.94 3.20
C ILE B 194 14.11 -3.33 1.90
N GLU B 195 13.29 -2.49 1.25
CA GLU B 195 13.73 -1.84 0.04
CA GLU B 195 13.73 -1.83 0.02
C GLU B 195 15.02 -1.06 0.26
N TYR B 196 15.11 -0.34 1.38
CA TYR B 196 16.32 0.42 1.69
C TYR B 196 17.51 -0.52 1.91
N VAL B 197 17.32 -1.56 2.71
CA VAL B 197 18.43 -2.44 3.08
C VAL B 197 18.93 -3.21 1.87
N THR B 198 18.02 -3.76 1.06
CA THR B 198 18.44 -4.63 -0.04
C THR B 198 19.23 -3.86 -1.10
N GLN B 199 18.93 -2.57 -1.29
CA GLN B 199 19.70 -1.79 -2.25
C GLN B 199 21.13 -1.56 -1.78
N ARG B 200 21.34 -1.50 -0.47
CA ARG B 200 22.66 -1.23 0.10
C ARG B 200 23.33 -2.48 0.65
N ASN B 201 22.67 -3.66 0.56
CA ASN B 201 23.27 -4.95 0.91
C ASN B 201 22.81 -5.92 -0.18
N CYS B 202 23.54 -5.94 -1.30
CA CYS B 202 23.11 -6.68 -2.48
C CYS B 202 23.16 -8.19 -2.30
N ASN B 203 23.61 -8.68 -1.16
CA ASN B 203 23.56 -10.11 -0.86
C ASN B 203 22.28 -10.52 -0.16
N LEU B 204 21.46 -9.56 0.27
CA LEU B 204 20.17 -9.82 0.90
C LEU B 204 19.04 -9.59 -0.11
N THR B 205 17.85 -10.07 0.25
CA THR B 205 16.69 -9.95 -0.63
C THR B 205 15.42 -10.10 0.19
N GLN B 206 14.31 -9.70 -0.43
CA GLN B 206 12.99 -9.91 0.14
C GLN B 206 12.48 -11.29 -0.26
N ILE B 207 11.92 -12.02 0.70
CA ILE B 207 11.37 -13.34 0.47
C ILE B 207 9.85 -13.24 0.45
N GLY B 208 9.23 -13.74 -0.61
CA GLY B 208 7.79 -13.68 -0.72
C GLY B 208 7.28 -12.26 -0.92
N GLY B 209 5.97 -12.12 -0.71
CA GLY B 209 5.30 -10.85 -0.81
C GLY B 209 4.94 -10.28 0.54
N LEU B 210 3.99 -9.35 0.53
CA LEU B 210 3.50 -8.74 1.76
C LEU B 210 2.43 -9.63 2.38
N ILE B 211 2.53 -9.85 3.70
CA ILE B 211 1.53 -10.61 4.42
C ILE B 211 0.49 -9.71 5.09
N ASP B 212 0.64 -8.39 4.99
CA ASP B 212 -0.41 -7.46 5.39
C ASP B 212 -0.11 -6.11 4.75
N SER B 213 -0.98 -5.13 5.01
CA SER B 213 -0.86 -3.80 4.41
C SER B 213 -1.25 -2.76 5.45
N LYS B 214 -0.35 -1.82 5.72
CA LYS B 214 -0.54 -0.80 6.75
C LYS B 214 -0.02 0.52 6.22
N GLY B 215 0.00 1.53 7.10
CA GLY B 215 0.57 2.82 6.76
C GLY B 215 1.27 3.43 7.96
N TYR B 216 2.16 4.38 7.67
CA TYR B 216 2.80 5.19 8.69
C TYR B 216 2.04 6.50 8.86
N GLY B 217 1.84 6.91 10.11
CA GLY B 217 1.21 8.18 10.40
C GLY B 217 1.92 8.89 11.53
N VAL B 218 1.71 10.21 11.59
CA VAL B 218 2.21 11.01 12.69
C VAL B 218 1.32 10.75 13.91
N GLY B 219 1.95 10.38 15.02
CA GLY B 219 1.22 10.07 16.24
C GLY B 219 1.06 11.31 17.11
N THR B 220 -0.11 11.42 17.74
CA THR B 220 -0.38 12.50 18.68
C THR B 220 -1.16 11.92 19.86
N PRO B 221 -1.08 12.57 21.01
CA PRO B 221 -1.95 12.18 22.13
C PRO B 221 -3.42 12.36 21.79
N ILE B 222 -4.27 11.60 22.47
CA ILE B 222 -5.71 11.72 22.28
C ILE B 222 -6.13 13.17 22.53
N GLY B 223 -6.99 13.68 21.67
CA GLY B 223 -7.50 15.03 21.80
C GLY B 223 -6.54 16.12 21.39
N SER B 224 -5.42 15.78 20.76
CA SER B 224 -4.45 16.80 20.39
C SER B 224 -5.05 17.74 19.35
N PRO B 225 -4.87 19.05 19.50
CA PRO B 225 -5.38 19.99 18.48
C PRO B 225 -4.58 19.95 17.19
N TYR B 226 -3.37 19.39 17.19
CA TYR B 226 -2.51 19.38 16.01
C TYR B 226 -2.85 18.26 15.04
N ARG B 227 -3.62 17.25 15.47
CA ARG B 227 -3.87 16.09 14.61
C ARG B 227 -4.51 16.51 13.29
N ASP B 228 -5.63 17.21 13.34
CA ASP B 228 -6.31 17.61 12.12
C ASP B 228 -5.44 18.53 11.28
N LYS B 229 -4.72 19.45 11.91
CA LYS B 229 -3.81 20.32 11.18
C LYS B 229 -2.70 19.52 10.51
N ILE B 230 -2.17 18.51 11.21
CA ILE B 230 -1.12 17.67 10.64
C ILE B 230 -1.64 16.89 9.44
N THR B 231 -2.86 16.36 9.55
CA THR B 231 -3.46 15.65 8.41
C THR B 231 -3.58 16.56 7.21
N ILE B 232 -4.08 17.79 7.41
CA ILE B 232 -4.19 18.74 6.31
C ILE B 232 -2.82 19.00 5.71
N ALA B 233 -1.78 19.09 6.54
CA ALA B 233 -0.44 19.32 6.03
C ALA B 233 0.04 18.15 5.19
N ILE B 234 -0.20 16.92 5.65
CA ILE B 234 0.19 15.75 4.86
CA ILE B 234 0.19 15.75 4.86
C ILE B 234 -0.48 15.77 3.49
N LEU B 235 -1.78 16.06 3.46
CA LEU B 235 -2.50 16.12 2.19
C LEU B 235 -1.88 17.15 1.26
N GLN B 236 -1.55 18.33 1.79
CA GLN B 236 -0.93 19.36 0.96
C GLN B 236 0.38 18.87 0.36
N LEU B 237 1.17 18.14 1.14
CA LEU B 237 2.43 17.61 0.63
C LEU B 237 2.21 16.54 -0.42
N GLN B 238 1.05 15.87 -0.43
CA GLN B 238 0.76 14.89 -1.47
C GLN B 238 0.43 15.57 -2.80
N GLU B 239 -0.49 16.54 -2.78
CA GLU B 239 -0.84 17.24 -4.00
C GLU B 239 0.36 17.98 -4.58
N GLU B 240 1.26 18.46 -3.72
CA GLU B 240 2.48 19.11 -4.18
C GLU B 240 3.53 18.13 -4.64
N GLY B 241 3.36 16.83 -4.35
CA GLY B 241 4.37 15.86 -4.71
C GLY B 241 5.60 15.87 -3.82
N LYS B 242 5.57 16.61 -2.72
CA LYS B 242 6.77 16.72 -1.89
C LYS B 242 7.09 15.40 -1.20
N LEU B 243 6.08 14.71 -0.65
CA LEU B 243 6.33 13.42 -0.03
C LEU B 243 7.03 12.47 -0.98
N HIS B 244 6.66 12.53 -2.27
CA HIS B 244 7.33 11.70 -3.27
C HIS B 244 8.79 12.11 -3.44
N MET B 245 9.06 13.41 -3.49
CA MET B 245 10.44 13.88 -3.59
C MET B 245 11.26 13.41 -2.38
N MET B 246 10.68 13.47 -1.18
CA MET B 246 11.38 13.01 0.02
C MET B 246 11.72 11.53 -0.09
N LYS B 247 10.75 10.72 -0.52
CA LYS B 247 11.00 9.28 -0.69
C LYS B 247 12.20 9.04 -1.60
N GLU B 248 12.20 9.67 -2.77
CA GLU B 248 13.29 9.48 -3.72
C GLU B 248 14.61 9.98 -3.15
N LYS B 249 14.58 11.07 -2.38
CA LYS B 249 15.80 11.63 -1.84
C LYS B 249 16.52 10.64 -0.94
N TRP B 250 15.78 9.94 -0.09
CA TRP B 250 16.38 9.08 0.94
C TRP B 250 16.41 7.60 0.59
N TRP B 251 15.62 7.18 -0.40
CA TRP B 251 15.64 5.79 -0.86
C TRP B 251 16.34 5.60 -2.20
N ARG B 252 15.99 6.41 -3.20
CA ARG B 252 16.38 6.11 -4.56
C ARG B 252 17.89 6.10 -4.71
N GLY B 253 18.38 5.17 -5.53
CA GLY B 253 19.80 5.07 -5.78
C GLY B 253 20.05 4.14 -6.95
N ASN B 254 21.27 3.61 -7.01
CA ASN B 254 21.61 2.61 -8.00
C ASN B 254 21.19 1.23 -7.51
N GLY B 255 20.44 0.50 -8.33
CA GLY B 255 20.03 -0.84 -7.98
C GLY B 255 21.17 -1.83 -8.11
N CYS B 256 21.01 -2.97 -7.46
CA CYS B 256 22.03 -4.01 -7.45
C CYS B 256 22.21 -4.61 -8.85
S SO4 C . -18.47 -13.65 -23.14
O1 SO4 C . -18.08 -12.28 -22.80
O2 SO4 C . -17.56 -14.59 -22.48
O3 SO4 C . -18.38 -13.84 -24.58
O4 SO4 C . -19.83 -13.89 -22.70
S SO4 D . -31.86 -10.48 -15.14
O1 SO4 D . -30.96 -10.12 -14.04
O2 SO4 D . -31.27 -11.56 -15.92
O3 SO4 D . -33.14 -10.92 -14.60
O4 SO4 D . -32.08 -9.32 -16.00
S SO4 E . -25.25 -35.31 -10.06
O1 SO4 E . -24.56 -35.93 -11.19
O2 SO4 E . -24.41 -35.40 -8.87
O3 SO4 E . -26.50 -36.01 -9.82
O4 SO4 E . -25.51 -33.92 -10.38
S SO4 F . -24.03 1.71 -19.45
O1 SO4 F . -24.30 0.49 -18.71
O2 SO4 F . -22.69 1.67 -20.00
O3 SO4 F . -24.16 2.87 -18.56
O4 SO4 F . -25.00 1.84 -20.54
S SO4 G . -15.43 7.81 -24.05
O1 SO4 G . -15.10 9.22 -23.84
O2 SO4 G . -14.34 7.16 -24.77
O3 SO4 G . -15.62 7.17 -22.75
O4 SO4 G . -16.66 7.70 -24.84
CL CL H . -17.34 -5.74 2.12
CL CL I . -6.30 7.03 1.01
C1 GOL J . -15.19 6.67 -1.48
O1 GOL J . -15.99 5.56 -1.84
C2 GOL J . -14.30 6.30 -0.30
O2 GOL J . -13.64 7.45 0.19
C3 GOL J . -13.28 5.26 -0.72
O3 GOL J . -12.76 4.61 0.41
N1 8VE K . -8.44 0.28 -13.84
N3 8VE K . -9.80 -0.57 -10.74
C4 8VE K . -10.31 1.02 -12.52
C5 8VE K . -10.66 0.68 -11.05
C6 8VE K . -7.14 -0.42 -13.45
C7 8VE K . -9.46 3.53 -12.36
C8 8VE K . -12.13 0.35 -10.63
C1 8VE K . -9.26 2.11 -12.86
N2 8VE K . -8.25 1.70 -13.56
C2 8VE K . -9.61 -1.32 -12.06
C3 8VE K . -9.74 -0.23 -13.17
O1 8VE K . -10.61 3.85 -11.96
O2 8VE K . -12.36 -0.66 -9.93
O3 8VE K . -8.48 4.30 -12.38
O4 8VE K . -13.03 1.13 -11.00
C ACT L . -1.48 -19.91 -18.13
O ACT L . -0.91 -19.20 -17.27
OXT ACT L . -2.64 -20.27 -17.87
CH3 ACT L . -0.80 -20.29 -19.42
S SO4 M . 3.41 -8.58 -3.45
O1 SO4 M . 3.69 -8.03 -2.13
O2 SO4 M . 4.67 -8.92 -4.11
O3 SO4 M . 2.59 -9.78 -3.31
O4 SO4 M . 2.69 -7.59 -4.25
S SO4 N . 5.28 7.46 -3.20
O1 SO4 N . 6.62 8.03 -3.28
O2 SO4 N . 5.31 6.32 -2.30
O3 SO4 N . 4.35 8.47 -2.69
O4 SO4 N . 4.85 7.03 -4.53
S SO4 O . 17.60 13.31 23.73
O1 SO4 O . 17.20 13.21 25.13
O2 SO4 O . 19.04 13.05 23.63
O3 SO4 O . 17.30 14.64 23.23
O4 SO4 O . 16.88 12.31 22.96
CL CL P . -6.51 8.09 14.83
CL CL Q . -4.31 -6.37 5.79
C1 GOL R . -4.06 -5.62 12.73
O1 GOL R . -2.67 -5.60 12.50
C2 GOL R . -4.48 -4.29 13.33
O2 GOL R . -4.23 -3.26 12.40
C3 GOL R . -3.74 -4.03 14.63
O3 GOL R . -4.35 -4.72 15.71
N1 8VE S . 10.25 -0.50 11.95
N3 8VE S . 7.19 0.72 12.25
C4 8VE S . 8.47 -0.93 13.48
C5 8VE S . 7.01 -0.42 13.29
C6 8VE S . 10.17 0.08 10.52
C7 8VE S . 8.34 -3.51 12.93
C8 8VE S . 6.21 0.13 14.51
C1 8VE S . 8.97 -2.16 12.69
N2 8VE S . 9.92 -1.92 11.86
C2 8VE S . 8.53 1.38 12.61
C3 8VE S . 9.40 0.18 13.03
O1 8VE S . 7.57 -3.65 13.91
O2 8VE S . 6.09 -0.61 15.52
O3 8VE S . 8.61 -4.43 12.12
O4 8VE S . 5.71 1.28 14.48
#